data_6TBQ
#
_entry.id   6TBQ
#
_cell.length_a   46.305
_cell.length_b   61.316
_cell.length_c   72.982
_cell.angle_alpha   90.000
_cell.angle_beta   90.000
_cell.angle_gamma   90.000
#
_symmetry.space_group_name_H-M   'P 21 21 21'
#
loop_
_entity.id
_entity.type
_entity.pdbx_description
1 polymer AoAA13
2 non-polymer 'COPPER (II) ION'
3 non-polymer 2-acetamido-2-deoxy-beta-D-glucopyranose
4 non-polymer 'ZINC ION'
5 water water
#
_entity_poly.entity_id   1
_entity_poly.type   'polypeptide(L)'
_entity_poly.pdbx_seq_one_letter_code
;(HIC)GYMYIPSSRTRLGHEAGIDSCPECAILEPVSSWPDLDAAPVGRSGPCGYNARDSIDYNQPTTNWGSDAVQSYSPG
EEIEVQWCVDHNGDHGGMFTYRICQDQSIVDKFLDPSYLPTNDEKQAAEDCFDAGLLPCTDVSGQECGYSADCTEGEACW
RNDWFTCNGFEASDRPKCQGVDNAELNSCYTSIAGGYTVTKKVKLPEYTSNHTLISFKWNSFQTGQIYLSCADIAIQ
;
_entity_poly.pdbx_strand_id   A
#
loop_
_chem_comp.id
_chem_comp.type
_chem_comp.name
_chem_comp.formula
CU non-polymer 'COPPER (II) ION' 'Cu 2'
NAG D-saccharide, beta linking 2-acetamido-2-deoxy-beta-D-glucopyranose 'C8 H15 N O6'
ZN non-polymer 'ZINC ION' 'Zn 2'
#
# COMPACT_ATOMS: atom_id res chain seq x y z
N HIC A 1 -2.65 2.91 11.31
CA HIC A 1 -1.19 2.55 11.38
C HIC A 1 -1.14 1.19 10.70
O HIC A 1 -1.79 0.25 11.16
CB HIC A 1 -0.67 2.42 12.81
CG HIC A 1 -0.19 3.75 13.33
ND1 HIC A 1 -0.90 4.89 13.30
CD2 HIC A 1 1.05 4.07 13.84
CE1 HIC A 1 -0.15 5.88 13.83
NE2 HIC A 1 1.04 5.37 14.14
CZ HIC A 1 2.12 6.17 14.77
N GLY A 2 -0.41 1.09 9.59
CA GLY A 2 -0.44 -0.09 8.73
C GLY A 2 0.65 -0.07 7.66
N TYR A 3 0.88 -1.19 7.00
CA TYR A 3 1.87 -1.26 5.96
C TYR A 3 1.74 -2.57 5.22
N MET A 4 2.33 -2.60 4.00
CA MET A 4 2.23 -3.75 3.11
C MET A 4 3.10 -4.90 3.62
N TYR A 5 2.53 -6.10 3.58
CA TYR A 5 3.14 -7.21 4.22
C TYR A 5 3.53 -8.27 3.18
N ILE A 6 2.61 -8.60 2.25
CA ILE A 6 2.86 -9.64 1.16
C ILE A 6 2.45 -9.12 -0.22
N PRO A 7 3.35 -9.20 -1.21
CA PRO A 7 4.74 -9.61 -1.05
C PRO A 7 5.53 -8.60 -0.20
N SER A 8 6.65 -9.03 0.38
CA SER A 8 7.32 -8.25 1.42
C SER A 8 7.71 -6.89 0.86
N SER A 9 7.18 -5.84 1.50
CA SER A 9 7.49 -4.50 1.08
C SER A 9 8.87 -4.11 1.60
N ARG A 10 9.34 -2.97 1.11
CA ARG A 10 10.55 -2.41 1.58
C ARG A 10 10.45 -2.14 3.10
N THR A 11 9.27 -1.84 3.60
CA THR A 11 9.04 -1.45 4.97
C THR A 11 9.18 -2.70 5.85
N ARG A 12 8.53 -3.77 5.43
CA ARG A 12 8.69 -5.04 6.07
C ARG A 12 10.18 -5.43 6.15
N LEU A 13 10.91 -5.22 5.06
CA LEU A 13 12.29 -5.66 5.00
C LEU A 13 13.12 -4.78 5.93
N GLY A 14 12.72 -3.51 5.97
CA GLY A 14 13.29 -2.47 6.81
C GLY A 14 13.19 -2.84 8.27
N HIS A 15 12.01 -3.23 8.71
CA HIS A 15 11.81 -3.74 10.02
C HIS A 15 12.67 -4.99 10.21
N GLU A 16 12.55 -5.95 9.28
CA GLU A 16 13.18 -7.25 9.44
C GLU A 16 14.70 -7.15 9.49
N ALA A 17 15.28 -6.10 8.90
CA ALA A 17 16.73 -5.86 8.97
C ALA A 17 17.12 -5.01 10.20
N GLY A 18 16.15 -4.62 11.02
CA GLY A 18 16.41 -3.95 12.29
C GLY A 18 16.53 -2.43 12.14
N ILE A 19 16.19 -1.91 10.96
CA ILE A 19 16.43 -0.50 10.65
C ILE A 19 15.23 0.31 11.10
N ASP A 20 14.04 -0.29 11.00
CA ASP A 20 12.76 0.36 11.20
C ASP A 20 12.07 -0.29 12.40
N SER A 21 11.98 0.49 13.48
CA SER A 21 11.41 0.07 14.75
C SER A 21 9.88 0.14 14.75
N CYS A 22 9.30 0.82 13.77
CA CYS A 22 7.83 0.95 13.72
C CYS A 22 7.35 0.98 12.27
N PRO A 23 7.33 -0.18 11.58
CA PRO A 23 7.01 -0.24 10.17
C PRO A 23 5.63 0.39 9.89
N GLU A 24 4.70 0.18 10.80
CA GLU A 24 3.35 0.70 10.68
C GLU A 24 3.31 2.22 10.87
N CYS A 25 4.44 2.84 11.22
CA CYS A 25 4.48 4.26 11.54
C CYS A 25 4.71 5.12 10.29
N ALA A 26 4.80 4.52 9.10
CA ALA A 26 5.10 5.33 7.91
C ALA A 26 3.79 5.92 7.34
N ILE A 27 3.64 7.24 7.49
CA ILE A 27 2.39 7.93 7.32
C ILE A 27 2.60 9.16 6.44
N LEU A 28 1.64 9.37 5.54
CA LEU A 28 1.40 10.62 4.84
C LEU A 28 0.32 11.40 5.59
N GLU A 29 0.70 12.55 6.15
CA GLU A 29 -0.20 13.30 7.02
C GLU A 29 0.37 14.69 7.29
N PRO A 30 -0.49 15.63 7.68
CA PRO A 30 -1.93 15.50 7.53
C PRO A 30 -2.33 15.73 6.07
N VAL A 31 -3.36 15.01 5.62
CA VAL A 31 -3.89 15.06 4.26
C VAL A 31 -5.39 14.84 4.36
N SER A 32 -6.11 15.28 3.32
CA SER A 32 -7.49 14.89 3.08
C SER A 32 -7.50 13.53 2.38
N SER A 33 -7.61 12.47 3.18
CA SER A 33 -7.59 11.08 2.70
C SER A 33 -9.01 10.60 2.33
N TRP A 34 -10.03 11.43 2.59
CA TRP A 34 -11.44 11.05 2.45
C TRP A 34 -12.31 12.28 2.17
N PRO A 35 -13.32 12.25 1.27
CA PRO A 35 -13.71 11.07 0.51
C PRO A 35 -13.03 10.93 -0.86
N ASP A 36 -12.27 11.96 -1.27
CA ASP A 36 -11.63 11.91 -2.58
C ASP A 36 -10.28 11.22 -2.41
N LEU A 37 -10.22 9.97 -2.88
CA LEU A 37 -9.10 9.12 -2.52
C LEU A 37 -7.79 9.55 -3.21
N ASP A 38 -7.80 10.36 -4.27
CA ASP A 38 -6.50 10.80 -4.82
C ASP A 38 -6.31 12.31 -4.85
N ALA A 39 -7.14 13.06 -4.13
CA ALA A 39 -6.95 14.49 -4.10
C ALA A 39 -5.58 14.79 -3.47
N ALA A 40 -5.20 14.00 -2.46
CA ALA A 40 -4.05 14.30 -1.67
C ALA A 40 -2.77 13.92 -2.42
N PRO A 41 -1.85 14.90 -2.55
CA PRO A 41 -0.56 14.65 -3.13
C PRO A 41 0.38 13.95 -2.14
N VAL A 42 1.24 13.08 -2.64
CA VAL A 42 2.00 12.20 -1.78
C VAL A 42 3.25 12.89 -1.21
N GLY A 43 3.59 14.11 -1.68
CA GLY A 43 4.78 14.80 -1.14
C GLY A 43 5.95 13.86 -0.87
N ARG A 44 6.51 13.94 0.35
CA ARG A 44 7.73 13.20 0.71
CA ARG A 44 7.75 13.19 0.64
C ARG A 44 7.47 11.70 0.78
N SER A 45 6.23 11.34 1.10
CA SER A 45 5.87 9.96 1.31
C SER A 45 6.10 9.15 0.02
N GLY A 46 5.69 9.70 -1.12
CA GLY A 46 5.93 9.03 -2.36
C GLY A 46 5.10 7.76 -2.41
N PRO A 47 5.26 6.91 -3.43
CA PRO A 47 4.51 5.65 -3.51
C PRO A 47 5.10 4.50 -2.69
N CYS A 48 6.23 4.75 -2.03
CA CYS A 48 6.92 3.70 -1.23
C CYS A 48 6.88 4.00 0.28
N GLY A 49 6.49 5.23 0.65
CA GLY A 49 6.42 5.67 2.02
C GLY A 49 7.71 6.33 2.52
N TYR A 50 7.52 7.24 3.47
CA TYR A 50 8.54 7.82 4.37
C TYR A 50 8.03 7.64 5.80
N ASN A 51 8.87 7.02 6.64
CA ASN A 51 8.61 6.74 8.02
C ASN A 51 9.28 7.85 8.87
N ALA A 52 8.49 8.78 9.37
CA ALA A 52 9.03 9.85 10.20
C ALA A 52 9.61 9.29 11.51
N ARG A 53 9.00 8.23 12.02
CA ARG A 53 9.46 7.62 13.26
C ARG A 53 10.99 7.60 13.25
N ASP A 54 11.56 6.90 12.26
CA ASP A 54 12.96 6.55 12.24
C ASP A 54 13.65 7.23 11.05
N SER A 55 12.97 8.18 10.43
CA SER A 55 13.49 8.93 9.29
C SER A 55 13.95 8.00 8.16
N ILE A 56 13.07 7.11 7.67
CA ILE A 56 13.40 6.25 6.57
C ILE A 56 12.57 6.67 5.34
N ASP A 57 13.26 6.83 4.21
CA ASP A 57 12.64 7.09 2.92
C ASP A 57 12.77 5.82 2.08
N TYR A 58 11.66 5.10 1.91
CA TYR A 58 11.68 3.82 1.25
C TYR A 58 11.59 3.96 -0.28
N ASN A 59 11.68 5.20 -0.80
CA ASN A 59 11.63 5.44 -2.25
C ASN A 59 12.98 5.13 -2.94
N GLN A 60 14.06 4.88 -2.19
CA GLN A 60 15.30 4.43 -2.81
C GLN A 60 15.78 3.16 -2.11
N PRO A 61 16.46 2.24 -2.81
CA PRO A 61 17.00 1.07 -2.15
C PRO A 61 18.09 1.43 -1.11
N THR A 62 18.36 0.49 -0.20
CA THR A 62 19.53 0.49 0.68
C THR A 62 20.17 -0.89 0.56
N THR A 63 21.13 -1.22 1.43
CA THR A 63 21.63 -2.58 1.47
C THR A 63 20.52 -3.49 1.97
N ASN A 64 19.51 -2.92 2.65
CA ASN A 64 18.50 -3.71 3.31
C ASN A 64 17.21 -3.80 2.50
N TRP A 65 17.06 -2.99 1.43
CA TRP A 65 15.91 -3.21 0.56
C TRP A 65 16.13 -2.61 -0.83
N GLY A 66 15.26 -3.02 -1.75
CA GLY A 66 15.18 -2.39 -3.05
C GLY A 66 16.21 -2.87 -4.06
N SER A 67 17.11 -3.78 -3.67
CA SER A 67 18.17 -4.23 -4.59
C SER A 67 17.61 -5.26 -5.57
N ASP A 68 16.76 -6.14 -5.06
CA ASP A 68 16.29 -7.28 -5.80
C ASP A 68 14.76 -7.33 -5.75
N ALA A 69 14.16 -7.94 -6.77
CA ALA A 69 12.80 -8.43 -6.69
C ALA A 69 12.72 -9.42 -5.52
N VAL A 70 11.77 -9.19 -4.61
CA VAL A 70 11.55 -10.10 -3.48
C VAL A 70 10.77 -11.33 -3.96
N GLN A 71 10.01 -11.17 -5.05
CA GLN A 71 9.24 -12.27 -5.62
C GLN A 71 9.11 -12.08 -7.13
N SER A 72 9.11 -13.20 -7.86
CA SER A 72 8.86 -13.21 -9.29
C SER A 72 7.49 -13.83 -9.60
N TYR A 73 6.71 -13.13 -10.42
CA TYR A 73 5.39 -13.56 -10.86
C TYR A 73 5.33 -13.62 -12.39
N SER A 74 4.16 -13.99 -12.94
CA SER A 74 4.01 -14.07 -14.40
C SER A 74 2.98 -13.06 -14.87
N PRO A 75 3.04 -12.60 -16.14
CA PRO A 75 2.05 -11.66 -16.66
C PRO A 75 0.65 -12.23 -16.38
N GLY A 76 -0.31 -11.34 -16.03
CA GLY A 76 -1.67 -11.73 -15.84
C GLY A 76 -1.94 -12.55 -14.59
N GLU A 77 -0.91 -12.87 -13.80
CA GLU A 77 -1.09 -13.73 -12.64
C GLU A 77 -1.94 -12.99 -11.60
N GLU A 78 -2.89 -13.73 -11.00
CA GLU A 78 -3.66 -13.33 -9.83
C GLU A 78 -2.86 -13.73 -8.58
N ILE A 79 -2.65 -12.79 -7.68
CA ILE A 79 -1.73 -13.05 -6.61
C ILE A 79 -2.33 -12.56 -5.30
N GLU A 80 -1.80 -13.07 -4.19
CA GLU A 80 -2.12 -12.58 -2.89
C GLU A 80 -1.39 -11.26 -2.65
N VAL A 81 -2.16 -10.29 -2.14
CA VAL A 81 -1.58 -9.12 -1.57
C VAL A 81 -2.15 -8.94 -0.15
N GLN A 82 -1.25 -8.66 0.79
CA GLN A 82 -1.63 -8.52 2.20
C GLN A 82 -0.99 -7.25 2.76
N TRP A 83 -1.74 -6.57 3.63
CA TRP A 83 -1.17 -5.56 4.46
C TRP A 83 -1.54 -5.84 5.90
N CYS A 84 -0.95 -5.06 6.81
CA CYS A 84 -0.97 -5.30 8.25
C CYS A 84 -1.44 -4.02 8.92
N VAL A 85 -2.51 -4.12 9.72
CA VAL A 85 -3.01 -2.98 10.45
C VAL A 85 -2.74 -3.19 11.94
N ASP A 86 -2.34 -2.13 12.61
CA ASP A 86 -2.01 -2.22 13.99
C ASP A 86 -3.30 -2.21 14.82
N HIS A 87 -3.33 -3.03 15.86
CA HIS A 87 -4.49 -3.15 16.71
C HIS A 87 -4.97 -1.78 17.24
N ASN A 88 -4.05 -0.83 17.47
CA ASN A 88 -4.50 0.45 18.03
C ASN A 88 -4.69 1.50 16.92
N GLY A 89 -4.43 1.14 15.67
CA GLY A 89 -4.49 2.12 14.58
C GLY A 89 -5.32 1.61 13.40
N ASP A 90 -6.50 1.04 13.68
CA ASP A 90 -7.41 0.56 12.67
C ASP A 90 -8.41 1.69 12.32
N HIS A 91 -8.06 2.47 11.30
CA HIS A 91 -8.74 3.72 10.95
C HIS A 91 -9.92 3.50 9.98
N GLY A 92 -10.11 2.23 9.59
CA GLY A 92 -11.02 1.85 8.49
C GLY A 92 -10.65 2.57 7.21
N GLY A 93 -11.61 2.73 6.29
CA GLY A 93 -11.36 3.43 5.04
C GLY A 93 -11.11 2.48 3.89
N MET A 94 -10.27 2.88 2.94
CA MET A 94 -10.10 2.13 1.65
C MET A 94 -8.63 2.04 1.24
N PHE A 95 -8.29 0.99 0.48
CA PHE A 95 -6.92 0.74 0.11
C PHE A 95 -6.87 0.08 -1.27
N THR A 96 -5.71 0.17 -1.91
CA THR A 96 -5.49 -0.35 -3.20
C THR A 96 -4.01 -0.68 -3.38
N TYR A 97 -3.77 -1.36 -4.49
CA TYR A 97 -2.47 -1.73 -4.98
C TYR A 97 -2.34 -1.33 -6.45
N ARG A 98 -1.14 -0.88 -6.83
CA ARG A 98 -0.87 -0.28 -8.14
C ARG A 98 0.51 -0.72 -8.66
N ILE A 99 0.59 -0.93 -9.98
CA ILE A 99 1.85 -1.05 -10.69
C ILE A 99 1.96 0.04 -11.77
N CYS A 100 3.02 0.85 -11.67
CA CYS A 100 3.39 1.85 -12.65
C CYS A 100 4.07 1.19 -13.85
N GLN A 101 3.53 1.42 -15.04
CA GLN A 101 3.94 0.68 -16.25
C GLN A 101 5.02 1.43 -17.05
N ASP A 102 5.68 2.40 -16.43
CA ASP A 102 6.70 3.25 -17.10
C ASP A 102 8.05 3.01 -16.41
N GLN A 103 8.79 2.00 -16.88
CA GLN A 103 10.01 1.47 -16.24
C GLN A 103 10.99 2.60 -15.97
N SER A 104 11.00 3.60 -16.86
CA SER A 104 11.87 4.75 -16.80
C SER A 104 11.56 5.55 -15.52
N ILE A 105 10.28 5.70 -15.17
CA ILE A 105 9.94 6.38 -13.91
C ILE A 105 10.38 5.52 -12.72
N VAL A 106 10.05 4.23 -12.77
CA VAL A 106 10.24 3.32 -11.65
C VAL A 106 11.75 3.16 -11.38
N ASP A 107 12.55 3.20 -12.45
CA ASP A 107 13.98 3.06 -12.37
C ASP A 107 14.56 4.07 -11.37
N LYS A 108 13.91 5.23 -11.21
CA LYS A 108 14.40 6.28 -10.31
C LYS A 108 14.28 5.85 -8.84
N PHE A 109 13.57 4.75 -8.62
CA PHE A 109 13.31 4.23 -7.30
C PHE A 109 14.11 2.95 -7.08
N LEU A 110 14.91 2.54 -8.07
CA LEU A 110 15.62 1.26 -7.99
C LEU A 110 17.13 1.48 -7.87
N ASP A 111 17.56 2.73 -7.67
CA ASP A 111 18.98 3.09 -7.60
C ASP A 111 19.35 3.56 -6.20
N PRO A 112 20.18 2.78 -5.47
CA PRO A 112 20.55 3.13 -4.09
C PRO A 112 21.27 4.48 -3.94
N SER A 113 21.90 4.96 -5.03
CA SER A 113 22.69 6.16 -4.99
C SER A 113 21.89 7.38 -5.50
N TYR A 114 20.56 7.25 -5.65
CA TYR A 114 19.71 8.40 -5.99
C TYR A 114 18.43 8.34 -5.15
N LEU A 115 18.00 9.49 -4.63
CA LEU A 115 16.73 9.65 -3.95
C LEU A 115 15.78 10.43 -4.86
N PRO A 116 14.63 9.84 -5.27
CA PRO A 116 13.60 10.58 -6.00
C PRO A 116 13.23 11.88 -5.29
N THR A 117 13.08 12.97 -6.06
CA THR A 117 12.54 14.21 -5.60
C THR A 117 11.05 14.05 -5.34
N ASN A 118 10.46 15.05 -4.66
CA ASN A 118 9.04 15.11 -4.44
C ASN A 118 8.29 15.17 -5.78
N ASP A 119 8.95 15.73 -6.80
CA ASP A 119 8.33 15.90 -8.10
C ASP A 119 8.21 14.52 -8.73
N GLU A 120 9.31 13.77 -8.68
CA GLU A 120 9.35 12.43 -9.24
C GLU A 120 8.48 11.50 -8.40
N LYS A 121 8.39 11.76 -7.10
CA LYS A 121 7.52 11.00 -6.24
C LYS A 121 6.06 11.16 -6.73
N GLN A 122 5.62 12.40 -6.99
CA GLN A 122 4.26 12.65 -7.41
C GLN A 122 3.97 12.12 -8.83
N ALA A 123 4.93 12.21 -9.73
CA ALA A 123 4.81 11.72 -11.07
C ALA A 123 4.71 10.20 -11.05
N ALA A 124 5.50 9.58 -10.17
CA ALA A 124 5.44 8.13 -9.99
C ALA A 124 4.04 7.80 -9.50
N GLU A 125 3.55 8.65 -8.58
CA GLU A 125 2.27 8.41 -7.97
C GLU A 125 1.21 8.40 -9.06
N ASP A 126 1.26 9.40 -9.95
CA ASP A 126 0.28 9.51 -11.06
C ASP A 126 0.31 8.24 -11.93
N CYS A 127 1.51 7.77 -12.22
CA CYS A 127 1.76 6.51 -12.98
C CYS A 127 1.17 5.29 -12.26
N PHE A 128 1.43 5.20 -10.96
CA PHE A 128 0.84 4.17 -10.14
C PHE A 128 -0.69 4.28 -10.19
N ASP A 129 -1.22 5.51 -10.11
CA ASP A 129 -2.71 5.64 -10.19
C ASP A 129 -3.24 5.12 -11.52
N ALA A 130 -2.53 5.34 -12.62
CA ALA A 130 -2.96 4.88 -13.95
C ALA A 130 -2.91 3.35 -13.99
N GLY A 131 -2.04 2.78 -13.17
CA GLY A 131 -1.80 1.34 -13.13
C GLY A 131 -2.39 0.70 -11.90
N LEU A 132 -3.50 1.27 -11.41
CA LEU A 132 -4.25 0.71 -10.26
C LEU A 132 -4.75 -0.69 -10.63
N LEU A 133 -4.61 -1.64 -9.71
CA LEU A 133 -5.04 -3.00 -9.94
C LEU A 133 -6.42 -3.19 -9.33
N PRO A 134 -7.50 -3.20 -10.14
CA PRO A 134 -8.86 -3.21 -9.63
C PRO A 134 -9.21 -4.54 -8.96
N CYS A 135 -9.87 -4.43 -7.81
CA CYS A 135 -10.51 -5.53 -7.09
C CYS A 135 -11.25 -6.44 -8.06
N THR A 136 -12.06 -5.77 -8.91
CA THR A 136 -13.05 -6.40 -9.78
C THR A 136 -12.36 -7.07 -10.97
N ASP A 137 -11.04 -6.98 -11.09
CA ASP A 137 -10.34 -7.71 -12.17
C ASP A 137 -10.16 -9.18 -11.79
N VAL A 138 -10.24 -9.50 -10.49
CA VAL A 138 -10.12 -10.89 -10.04
C VAL A 138 -11.51 -11.53 -10.05
N SER A 139 -11.66 -12.54 -10.91
CA SER A 139 -12.87 -13.36 -10.99
C SER A 139 -13.16 -14.01 -9.64
N GLY A 140 -14.39 -13.84 -9.13
CA GLY A 140 -14.77 -14.49 -7.92
C GLY A 140 -14.61 -13.62 -6.68
N GLN A 141 -13.95 -12.47 -6.82
CA GLN A 141 -13.70 -11.57 -5.70
C GLN A 141 -14.87 -10.61 -5.54
N GLU A 142 -15.44 -10.54 -4.33
CA GLU A 142 -16.51 -9.57 -4.02
C GLU A 142 -15.88 -8.24 -3.68
N CYS A 143 -16.38 -7.19 -4.32
CA CYS A 143 -15.79 -5.91 -4.19
C CYS A 143 -16.89 -4.93 -3.76
N GLY A 144 -16.96 -4.69 -2.45
CA GLY A 144 -18.02 -3.91 -1.88
C GLY A 144 -17.70 -2.44 -1.93
N TYR A 145 -18.74 -1.64 -1.72
CA TYR A 145 -18.67 -0.25 -1.47
C TYR A 145 -18.46 -0.01 0.03
N SER A 146 -17.85 1.14 0.34
CA SER A 146 -17.59 1.56 1.70
C SER A 146 -18.90 1.99 2.39
N ALA A 147 -19.08 1.54 3.64
CA ALA A 147 -20.16 1.96 4.47
C ALA A 147 -19.91 3.37 5.02
N ASP A 148 -18.73 3.94 4.73
CA ASP A 148 -18.38 5.26 5.19
C ASP A 148 -18.50 6.25 4.03
N CYS A 149 -19.14 5.77 2.97
CA CYS A 149 -19.34 6.44 1.73
C CYS A 149 -20.80 6.25 1.30
N THR A 150 -21.26 7.11 0.40
CA THR A 150 -22.57 7.01 -0.23
C THR A 150 -22.48 7.14 -1.76
N GLU A 151 -23.46 6.53 -2.43
CA GLU A 151 -23.51 6.34 -3.89
C GLU A 151 -23.26 7.69 -4.57
N GLY A 152 -22.41 7.66 -5.60
CA GLY A 152 -22.11 8.81 -6.40
C GLY A 152 -20.97 9.65 -5.85
N GLU A 153 -20.55 9.44 -4.60
CA GLU A 153 -19.40 10.15 -3.99
C GLU A 153 -18.08 9.66 -4.60
N ALA A 154 -16.98 10.41 -4.42
CA ALA A 154 -15.68 10.06 -5.03
C ALA A 154 -15.07 8.78 -4.38
N CYS A 155 -15.52 8.42 -3.17
CA CYS A 155 -15.08 7.19 -2.50
C CYS A 155 -15.91 5.98 -2.93
N TRP A 156 -17.00 6.25 -3.69
CA TRP A 156 -17.92 5.24 -4.16
C TRP A 156 -17.34 4.52 -5.38
N ARG A 157 -16.58 3.45 -5.13
CA ARG A 157 -15.83 2.80 -6.19
C ARG A 157 -15.32 1.47 -5.66
N ASN A 158 -15.30 0.45 -6.51
CA ASN A 158 -14.90 -0.83 -6.04
C ASN A 158 -13.76 -1.40 -6.89
N ASP A 159 -13.05 -0.53 -7.63
CA ASP A 159 -11.68 -0.83 -8.06
C ASP A 159 -10.81 -0.93 -6.82
N TRP A 160 -10.89 0.09 -5.97
CA TRP A 160 -10.30 0.00 -4.65
C TRP A 160 -11.02 -1.06 -3.82
N PHE A 161 -10.29 -1.51 -2.82
CA PHE A 161 -10.84 -2.26 -1.73
C PHE A 161 -11.36 -1.33 -0.64
N THR A 162 -12.28 -1.84 0.18
CA THR A 162 -12.72 -1.15 1.39
C THR A 162 -12.53 -2.03 2.62
N CYS A 163 -12.16 -1.37 3.72
CA CYS A 163 -12.38 -1.90 5.06
C CYS A 163 -13.88 -1.98 5.37
N ASN A 164 -14.23 -2.65 6.48
CA ASN A 164 -15.61 -2.67 6.97
C ASN A 164 -15.92 -1.32 7.63
N GLY A 165 -17.22 -1.10 7.88
CA GLY A 165 -17.67 0.07 8.57
C GLY A 165 -16.88 0.28 9.85
N PHE A 166 -16.47 1.52 10.07
CA PHE A 166 -15.79 1.97 11.27
C PHE A 166 -16.67 1.78 12.52
N GLU A 167 -18.00 1.78 12.36
CA GLU A 167 -18.99 1.64 13.46
C GLU A 167 -20.04 0.58 13.07
N ALA A 168 -19.60 -0.43 12.32
CA ALA A 168 -20.49 -1.48 11.88
C ALA A 168 -20.84 -2.32 13.10
N SER A 169 -22.05 -2.91 13.09
CA SER A 169 -22.40 -3.96 14.05
C SER A 169 -21.23 -4.96 14.11
N ASP A 170 -21.03 -5.66 13.00
CA ASP A 170 -20.21 -6.82 12.94
C ASP A 170 -18.89 -6.48 12.24
N ARG A 171 -17.82 -7.05 12.79
CA ARG A 171 -16.48 -7.16 12.20
C ARG A 171 -16.05 -5.81 11.64
N PRO A 172 -15.94 -4.78 12.49
CA PRO A 172 -15.73 -3.42 12.00
C PRO A 172 -14.32 -3.17 11.43
N LYS A 173 -14.24 -2.16 10.56
CA LYS A 173 -13.01 -1.51 10.19
C LYS A 173 -12.14 -2.48 9.37
N CYS A 174 -10.83 -2.20 9.31
CA CYS A 174 -9.95 -2.98 8.42
C CYS A 174 -9.74 -4.38 8.98
N GLN A 175 -9.68 -4.46 10.33
CA GLN A 175 -9.44 -5.74 11.02
C GLN A 175 -10.51 -6.75 10.63
N GLY A 176 -11.71 -6.21 10.43
CA GLY A 176 -12.87 -7.00 10.20
C GLY A 176 -12.86 -7.71 8.85
N VAL A 177 -12.00 -7.27 7.92
CA VAL A 177 -12.00 -7.80 6.57
C VAL A 177 -11.56 -9.28 6.62
N ASP A 178 -10.41 -9.56 7.24
CA ASP A 178 -9.96 -10.97 7.42
C ASP A 178 -10.53 -11.55 8.72
N ASN A 179 -10.88 -10.68 9.67
CA ASN A 179 -11.21 -11.06 11.02
C ASN A 179 -10.13 -12.03 11.52
N ALA A 180 -8.87 -11.70 11.26
CA ALA A 180 -7.74 -12.52 11.67
C ALA A 180 -7.43 -12.27 13.15
N GLU A 181 -6.56 -13.12 13.68
CA GLU A 181 -6.10 -13.06 15.06
C GLU A 181 -4.98 -12.02 15.18
N LEU A 182 -4.81 -11.50 16.41
CA LEU A 182 -3.78 -10.55 16.75
C LEU A 182 -2.39 -11.19 16.54
N ASN A 183 -1.46 -10.43 15.94
CA ASN A 183 -0.07 -10.86 15.60
C ASN A 183 -0.08 -11.84 14.42
N SER A 184 -1.09 -11.73 13.56
CA SER A 184 -1.13 -12.53 12.38
C SER A 184 -0.11 -11.94 11.39
N CYS A 185 0.28 -10.69 11.68
CA CYS A 185 1.43 -10.00 11.08
C CYS A 185 2.01 -9.06 12.13
N TYR A 186 3.25 -8.60 11.92
CA TYR A 186 3.96 -7.76 12.87
C TYR A 186 3.56 -6.28 12.76
N THR A 187 3.21 -5.70 13.91
CA THR A 187 3.30 -4.28 14.18
C THR A 187 3.97 -4.10 15.55
N SER A 188 4.63 -2.95 15.72
CA SER A 188 5.45 -2.70 16.89
C SER A 188 4.58 -2.17 18.03
N ILE A 189 3.52 -1.46 17.68
CA ILE A 189 2.73 -0.73 18.67
C ILE A 189 1.87 -1.69 19.53
N ALA A 190 0.87 -2.36 18.96
CA ALA A 190 -0.03 -3.16 19.77
C ALA A 190 -0.33 -4.51 19.12
N GLY A 191 0.49 -4.95 18.17
CA GLY A 191 0.26 -6.22 17.43
C GLY A 191 -0.62 -6.04 16.19
N GLY A 192 -0.31 -6.82 15.14
CA GLY A 192 -0.82 -6.61 13.81
C GLY A 192 -1.98 -7.54 13.46
N TYR A 193 -2.85 -7.03 12.59
CA TYR A 193 -3.86 -7.88 11.95
C TYR A 193 -3.70 -7.88 10.43
N THR A 194 -3.84 -9.06 9.79
CA THR A 194 -3.74 -9.15 8.35
C THR A 194 -5.00 -8.58 7.70
N VAL A 195 -4.78 -7.95 6.54
CA VAL A 195 -5.84 -7.57 5.60
C VAL A 195 -5.44 -8.12 4.22
N THR A 196 -6.22 -9.07 3.71
CA THR A 196 -5.76 -9.92 2.58
C THR A 196 -6.78 -9.89 1.42
N LYS A 197 -6.26 -9.69 0.20
CA LYS A 197 -7.02 -9.58 -1.01
C LYS A 197 -6.23 -10.26 -2.14
N LYS A 198 -6.83 -10.29 -3.32
CA LYS A 198 -6.15 -10.70 -4.53
C LYS A 198 -6.19 -9.58 -5.56
N VAL A 199 -5.11 -9.46 -6.35
CA VAL A 199 -5.05 -8.58 -7.48
C VAL A 199 -4.56 -9.38 -8.71
N LYS A 200 -4.96 -8.93 -9.89
CA LYS A 200 -4.51 -9.52 -11.15
C LYS A 200 -3.42 -8.64 -11.73
N LEU A 201 -2.22 -9.19 -11.86
CA LEU A 201 -1.12 -8.44 -12.46
C LEU A 201 -1.42 -8.15 -13.93
N PRO A 202 -0.85 -7.06 -14.47
CA PRO A 202 -1.05 -6.72 -15.88
C PRO A 202 -0.19 -7.64 -16.75
N GLU A 203 -0.43 -7.55 -18.06
CA GLU A 203 0.36 -8.28 -19.01
C GLU A 203 1.60 -7.46 -19.42
N TYR A 204 1.84 -6.35 -18.68
CA TYR A 204 3.06 -5.51 -18.68
C TYR A 204 4.19 -6.22 -17.91
N THR A 205 5.43 -6.21 -18.45
CA THR A 205 6.55 -7.00 -17.84
C THR A 205 7.74 -6.12 -17.45
N SER A 206 8.67 -6.73 -16.67
CA SER A 206 9.87 -6.16 -16.02
C SER A 206 10.63 -7.23 -15.21
N ASN A 207 11.97 -7.17 -15.28
CA ASN A 207 12.84 -7.95 -14.42
C ASN A 207 12.84 -7.38 -12.99
N HIS A 208 12.45 -6.10 -12.85
CA HIS A 208 12.42 -5.42 -11.59
C HIS A 208 11.50 -4.17 -11.66
N THR A 209 10.33 -4.25 -11.03
CA THR A 209 9.42 -3.11 -10.86
C THR A 209 8.85 -3.08 -9.41
N LEU A 210 7.87 -2.19 -9.20
CA LEU A 210 7.20 -2.02 -7.90
C LEU A 210 5.67 -2.25 -7.95
N ILE A 211 5.13 -2.92 -6.90
N ILE A 211 5.14 -2.71 -6.83
CA ILE A 211 3.72 -2.75 -6.33
CA ILE A 211 3.79 -2.44 -6.57
C ILE A 211 3.77 -1.62 -5.27
C ILE A 211 3.69 -1.66 -5.26
N SER A 212 2.91 -0.60 -5.39
CA SER A 212 2.67 0.35 -4.36
C SER A 212 1.33 0.08 -3.71
N PHE A 213 1.38 -0.19 -2.41
CA PHE A 213 0.23 -0.21 -1.53
C PHE A 213 -0.10 1.22 -1.12
N LYS A 214 -1.38 1.57 -1.19
CA LYS A 214 -1.90 2.84 -0.68
C LYS A 214 -3.21 2.62 0.11
N TRP A 215 -3.24 3.08 1.36
CA TRP A 215 -4.38 2.99 2.25
C TRP A 215 -4.79 4.40 2.67
N ASN A 216 -6.00 4.76 2.26
CA ASN A 216 -6.64 5.98 2.65
C ASN A 216 -7.47 5.75 3.92
N SER A 217 -7.08 6.47 4.97
CA SER A 217 -7.76 6.45 6.23
C SER A 217 -9.11 7.17 6.16
N PHE A 218 -10.13 6.53 6.72
CA PHE A 218 -11.40 7.15 6.96
C PHE A 218 -11.38 7.97 8.26
N GLN A 219 -10.93 7.36 9.37
CA GLN A 219 -11.06 8.02 10.72
C GLN A 219 -10.17 9.26 10.82
N THR A 220 -9.00 9.19 10.19
CA THR A 220 -8.02 10.23 10.29
C THR A 220 -7.71 10.72 8.87
N GLY A 221 -7.17 11.94 8.77
CA GLY A 221 -6.61 12.51 7.54
C GLY A 221 -5.19 12.04 7.35
N GLN A 222 -5.07 10.80 6.84
CA GLN A 222 -3.79 10.07 6.80
C GLN A 222 -3.86 9.06 5.64
N ILE A 223 -2.72 8.87 5.01
CA ILE A 223 -2.54 7.81 4.06
C ILE A 223 -1.27 7.03 4.40
N TYR A 224 -1.34 5.72 4.19
CA TYR A 224 -0.22 4.83 4.43
C TYR A 224 0.21 4.24 3.09
N LEU A 225 1.49 4.45 2.73
CA LEU A 225 2.04 3.95 1.50
C LEU A 225 3.23 3.02 1.78
N SER A 226 3.28 1.96 0.98
CA SER A 226 4.41 1.01 0.94
C SER A 226 4.65 0.61 -0.50
N CYS A 227 5.84 0.07 -0.80
CA CYS A 227 5.97 -0.66 -2.04
C CYS A 227 6.86 -1.90 -1.88
N ALA A 228 6.69 -2.82 -2.83
CA ALA A 228 7.44 -4.09 -2.86
C ALA A 228 8.16 -4.22 -4.21
N ASP A 229 9.39 -4.71 -4.18
CA ASP A 229 10.11 -4.89 -5.37
C ASP A 229 9.74 -6.27 -5.89
N ILE A 230 9.28 -6.33 -7.15
CA ILE A 230 8.77 -7.53 -7.73
C ILE A 230 9.21 -7.65 -9.19
N ALA A 231 9.13 -8.89 -9.69
CA ALA A 231 9.43 -9.19 -11.10
C ALA A 231 8.23 -9.91 -11.72
N ILE A 232 7.96 -9.58 -12.98
CA ILE A 232 6.95 -10.23 -13.79
C ILE A 232 7.66 -10.95 -14.97
N GLN A 233 7.65 -12.28 -14.99
CA GLN A 233 8.50 -12.99 -15.95
C GLN A 233 7.81 -14.26 -16.46
CU CU B . -2.63 4.90 12.50
C1 NAG C . 15.98 -10.26 -17.54
C2 NAG C . 15.36 -10.46 -18.91
C3 NAG C . 16.05 -11.59 -19.69
C4 NAG C . 17.55 -11.30 -19.80
C5 NAG C . 18.14 -11.11 -18.40
C6 NAG C . 19.62 -10.73 -18.50
C7 NAG C . 13.07 -9.65 -18.82
C8 NAG C . 11.60 -9.95 -18.61
N2 NAG C . 13.93 -10.67 -18.69
O3 NAG C . 15.49 -11.67 -21.00
O4 NAG C . 18.33 -12.28 -20.55
O5 NAG C . 17.42 -10.08 -17.67
O6 NAG C . 19.66 -9.60 -19.38
O7 NAG C . 13.48 -8.53 -19.10
ZN ZN D . -9.33 13.01 -6.88
ZN ZN E . -4.50 -6.55 1.09
ZN ZN F . -2.72 8.98 -6.02
ZN ZN G . 16.98 11.43 -12.40
ZN ZN H . -20.85 -10.61 -6.67
#